data_7TQ1
#
_entry.id   7TQ1
#
_cell.length_a   77.884
_cell.length_b   84.571
_cell.length_c   175.486
_cell.angle_alpha   90.000
_cell.angle_beta   90.000
_cell.angle_gamma   90.000
#
_symmetry.space_group_name_H-M   'I 2 2 2'
#
loop_
_entity.id
_entity.type
_entity.pdbx_description
1 polymer 'Dihydropteroate synthase'
2 non-polymer 6-HYDROXYMETHYLPTERIN
3 water water
#
_entity_poly.entity_id   1
_entity_poly.type   'polypeptide(L)'
_entity_poly.pdbx_seq_one_letter_code
;GMKLFAQGTSLDLSHPHVMGILNVTPDSFSDGGTHNSLIDAVKHANLMINAGATIIDVGGESTRPGAAEVSVEEELQRVI
PVVEAIAQRFEVWISVDTSKPEVIRESAKVGAHIINDIRSLSEPGALEAAAETGLPVCLMHMQGNPKTMQEAPKYDDVFA
EVNRYFIEQIARCEQAGIAKEKLLLDPGFGFGFGKNLSHNYSLLARLAEFHHFNLPLLVGMSRKSMIGQLLNVGPSERLS
GSLACAVIAAMQGAHIIRVHDVKETVEAMRVVEATLSAKENKRYE
;
_entity_poly.pdbx_strand_id   A,B
#
# COMPACT_ATOMS: atom_id res chain seq x y z
N GLY A 1 23.22 8.45 -21.99
CA GLY A 1 24.59 8.79 -21.70
C GLY A 1 25.22 7.85 -20.68
N MET A 2 24.36 7.13 -19.96
CA MET A 2 24.81 6.19 -18.94
C MET A 2 25.09 4.84 -19.58
N LYS A 3 26.26 4.28 -19.29
CA LYS A 3 26.67 3.00 -19.85
C LYS A 3 26.99 2.02 -18.73
N LEU A 4 26.74 0.74 -19.00
CA LEU A 4 27.19 -0.36 -18.17
C LEU A 4 28.29 -1.11 -18.90
N PHE A 5 29.25 -1.63 -18.15
CA PHE A 5 30.40 -2.31 -18.73
C PHE A 5 30.59 -3.65 -18.04
N ALA A 6 30.68 -4.71 -18.83
CA ALA A 6 30.89 -6.04 -18.29
C ALA A 6 31.42 -6.96 -19.38
N GLN A 7 32.44 -7.76 -19.06
CA GLN A 7 32.91 -8.84 -19.93
C GLN A 7 33.37 -8.31 -21.29
N GLY A 8 34.03 -7.16 -21.28
CA GLY A 8 34.57 -6.61 -22.52
C GLY A 8 33.55 -6.07 -23.48
N THR A 9 32.39 -5.68 -22.98
CA THR A 9 31.34 -5.13 -23.83
C THR A 9 30.55 -4.12 -23.01
N SER A 10 29.66 -3.40 -23.69
CA SER A 10 28.95 -2.29 -23.08
C SER A 10 27.45 -2.43 -23.30
N LEU A 11 26.70 -1.73 -22.45
CA LEU A 11 25.24 -1.64 -22.53
C LEU A 11 24.88 -0.16 -22.50
N ASP A 12 24.38 0.36 -23.62
CA ASP A 12 24.10 1.78 -23.78
C ASP A 12 22.67 2.06 -23.32
N LEU A 13 22.52 2.59 -22.11
CA LEU A 13 21.22 2.88 -21.53
C LEU A 13 20.63 4.20 -22.02
N SER A 14 20.82 4.53 -23.29
CA SER A 14 20.20 5.71 -23.88
C SER A 14 18.74 5.47 -24.23
N HIS A 15 18.33 4.22 -24.35
CA HIS A 15 16.96 3.83 -24.62
C HIS A 15 16.55 2.76 -23.62
N PRO A 16 15.26 2.60 -23.36
CA PRO A 16 14.83 1.57 -22.40
C PRO A 16 15.17 0.19 -22.92
N HIS A 17 15.72 -0.64 -22.04
CA HIS A 17 16.07 -2.02 -22.35
C HIS A 17 15.05 -2.96 -21.72
N VAL A 18 14.66 -3.98 -22.46
CA VAL A 18 13.71 -4.99 -22.01
C VAL A 18 14.51 -6.22 -21.59
N MET A 19 14.32 -6.67 -20.36
CA MET A 19 15.03 -7.83 -19.82
C MET A 19 14.03 -8.97 -19.66
N GLY A 20 14.19 -10.02 -20.45
CA GLY A 20 13.30 -11.16 -20.37
C GLY A 20 13.67 -12.08 -19.22
N ILE A 21 12.65 -12.79 -18.72
CA ILE A 21 12.82 -13.66 -17.56
C ILE A 21 12.97 -15.10 -18.02
N LEU A 22 13.96 -15.80 -17.45
CA LEU A 22 14.27 -17.19 -17.79
C LEU A 22 14.54 -17.95 -16.50
N ASN A 23 13.51 -18.59 -15.95
CA ASN A 23 13.63 -19.36 -14.72
C ASN A 23 14.10 -20.78 -15.04
N VAL A 24 15.11 -21.26 -14.30
CA VAL A 24 15.68 -22.57 -14.54
C VAL A 24 15.53 -23.44 -13.30
N THR A 25 14.32 -23.95 -13.07
CA THR A 25 13.98 -24.76 -11.90
C THR A 25 13.06 -25.90 -12.31
N PRO A 26 12.76 -26.87 -11.41
CA PRO A 26 11.71 -27.83 -11.74
C PRO A 26 10.31 -27.23 -11.62
N THR A 34 17.25 -32.73 -15.92
CA THR A 34 17.82 -31.55 -16.57
C THR A 34 18.25 -31.84 -18.00
N HIS A 35 17.89 -33.03 -18.51
CA HIS A 35 18.23 -33.39 -19.87
C HIS A 35 17.68 -32.37 -20.86
N ASN A 36 16.36 -32.25 -20.95
CA ASN A 36 15.73 -31.27 -21.83
C ASN A 36 15.59 -29.90 -21.19
N SER A 37 15.99 -29.75 -19.92
CA SER A 37 15.91 -28.45 -19.26
C SER A 37 16.88 -27.44 -19.85
N LEU A 38 17.91 -27.89 -20.56
CA LEU A 38 18.87 -26.99 -21.18
C LEU A 38 18.54 -26.62 -22.62
N ILE A 39 18.07 -27.59 -23.42
CA ILE A 39 17.60 -27.27 -24.77
C ILE A 39 16.48 -26.25 -24.70
N ASP A 40 15.47 -26.51 -23.85
CA ASP A 40 14.37 -25.57 -23.71
C ASP A 40 14.83 -24.21 -23.20
N ALA A 41 15.90 -24.18 -22.39
CA ALA A 41 16.42 -22.91 -21.92
C ALA A 41 17.06 -22.12 -23.05
N VAL A 42 17.86 -22.78 -23.88
CA VAL A 42 18.47 -22.10 -25.03
C VAL A 42 17.41 -21.66 -26.03
N LYS A 43 16.36 -22.46 -26.20
CA LYS A 43 15.33 -22.09 -27.17
C LYS A 43 14.45 -20.96 -26.65
N HIS A 44 14.08 -20.97 -25.37
CA HIS A 44 13.35 -19.84 -24.81
C HIS A 44 14.20 -18.58 -24.88
N ALA A 45 15.48 -18.67 -24.52
CA ALA A 45 16.36 -17.53 -24.62
C ALA A 45 16.46 -17.03 -26.06
N ASN A 46 16.52 -17.95 -27.02
CA ASN A 46 16.55 -17.57 -28.42
C ASN A 46 15.29 -16.80 -28.80
N LEU A 47 14.11 -17.30 -28.40
CA LEU A 47 12.87 -16.64 -28.74
C LEU A 47 12.80 -15.23 -28.17
N MET A 48 13.29 -15.05 -26.93
CA MET A 48 13.27 -13.74 -26.31
C MET A 48 14.20 -12.75 -27.00
N ILE A 49 15.33 -13.23 -27.54
CA ILE A 49 16.24 -12.34 -28.26
C ILE A 49 15.61 -11.86 -29.56
N ASN A 50 14.96 -12.78 -30.29
CA ASN A 50 14.31 -12.40 -31.54
C ASN A 50 13.12 -11.49 -31.32
N ALA A 51 12.52 -11.51 -30.14
CA ALA A 51 11.43 -10.59 -29.80
C ALA A 51 11.93 -9.20 -29.43
N GLY A 52 13.21 -9.07 -29.08
CA GLY A 52 13.80 -7.77 -28.80
C GLY A 52 14.49 -7.62 -27.46
N ALA A 53 14.56 -8.70 -26.67
CA ALA A 53 15.19 -8.62 -25.37
C ALA A 53 16.70 -8.42 -25.51
N THR A 54 17.24 -7.47 -24.75
CA THR A 54 18.68 -7.23 -24.72
C THR A 54 19.36 -7.76 -23.47
N ILE A 55 18.60 -8.14 -22.45
CA ILE A 55 19.16 -8.76 -21.25
C ILE A 55 18.32 -9.99 -20.90
N ILE A 56 18.95 -10.95 -20.25
CA ILE A 56 18.36 -12.23 -19.89
C ILE A 56 18.58 -12.43 -18.40
N ASP A 57 17.49 -12.68 -17.66
CA ASP A 57 17.56 -12.88 -16.22
C ASP A 57 17.43 -14.37 -15.93
N VAL A 58 18.58 -15.02 -15.69
CA VAL A 58 18.62 -16.43 -15.37
C VAL A 58 18.62 -16.56 -13.85
N GLY A 59 17.56 -17.16 -13.30
CA GLY A 59 17.44 -17.29 -11.87
C GLY A 59 17.10 -18.70 -11.43
N GLY A 60 18.04 -19.35 -10.75
CA GLY A 60 17.85 -20.73 -10.35
C GLY A 60 17.00 -20.88 -9.12
N GLU A 61 16.29 -19.81 -8.75
CA GLU A 61 15.43 -19.82 -7.58
C GLU A 61 14.19 -18.99 -7.83
N SER A 62 13.03 -19.58 -7.54
CA SER A 62 11.79 -18.83 -7.37
C SER A 62 11.62 -18.60 -5.87
N THR A 63 11.54 -17.33 -5.48
CA THR A 63 11.41 -16.98 -4.07
C THR A 63 10.15 -16.17 -3.80
N ARG A 64 9.14 -16.29 -4.66
CA ARG A 64 7.86 -15.65 -4.36
C ARG A 64 7.26 -16.28 -3.11
N PRO A 65 6.64 -15.48 -2.22
CA PRO A 65 6.23 -15.97 -0.90
C PRO A 65 5.62 -17.36 -0.87
N GLY A 66 6.22 -18.26 -0.10
CA GLY A 66 5.81 -19.64 -0.03
C GLY A 66 6.63 -20.60 -0.88
N ALA A 67 7.68 -20.13 -1.55
CA ALA A 67 8.51 -20.98 -2.38
C ALA A 67 9.70 -21.52 -1.58
N ALA A 68 10.16 -22.70 -1.98
CA ALA A 68 11.10 -23.48 -1.18
C ALA A 68 12.53 -22.95 -1.31
N GLU A 69 13.42 -23.55 -0.52
CA GLU A 69 14.83 -23.23 -0.51
C GLU A 69 15.60 -24.21 -1.38
N VAL A 70 16.64 -23.73 -2.05
CA VAL A 70 17.51 -24.54 -2.88
C VAL A 70 18.91 -24.55 -2.26
N SER A 71 19.48 -25.74 -2.10
CA SER A 71 20.81 -25.84 -1.53
C SER A 71 21.84 -25.27 -2.51
N VAL A 72 23.10 -25.24 -2.07
CA VAL A 72 24.16 -24.64 -2.88
C VAL A 72 24.34 -25.41 -4.18
N GLU A 73 24.74 -26.69 -4.06
CA GLU A 73 25.11 -27.48 -5.24
C GLU A 73 23.99 -27.53 -6.27
N GLU A 74 22.73 -27.40 -5.84
CA GLU A 74 21.62 -27.44 -6.77
C GLU A 74 21.67 -26.27 -7.75
N GLU A 75 22.03 -25.07 -7.27
CA GLU A 75 22.01 -23.91 -8.14
C GLU A 75 23.16 -23.95 -9.14
N LEU A 76 24.33 -24.45 -8.73
CA LEU A 76 25.44 -24.62 -9.68
C LEU A 76 25.01 -25.47 -10.85
N GLN A 77 24.23 -26.52 -10.60
CA GLN A 77 23.89 -27.51 -11.62
C GLN A 77 22.96 -26.95 -12.70
N ARG A 78 22.23 -25.88 -12.41
CA ARG A 78 21.30 -25.32 -13.37
C ARG A 78 21.67 -23.93 -13.84
N VAL A 79 22.06 -23.04 -12.93
CA VAL A 79 22.37 -21.67 -13.32
C VAL A 79 23.59 -21.64 -14.23
N ILE A 80 24.66 -22.30 -13.83
CA ILE A 80 25.94 -22.17 -14.51
C ILE A 80 25.88 -22.70 -15.94
N PRO A 81 25.43 -23.93 -16.19
CA PRO A 81 25.40 -24.39 -17.60
C PRO A 81 24.47 -23.57 -18.47
N VAL A 82 23.41 -22.97 -17.90
CA VAL A 82 22.52 -22.12 -18.68
C VAL A 82 23.23 -20.81 -19.02
N VAL A 83 23.79 -20.14 -18.01
CA VAL A 83 24.55 -18.93 -18.27
C VAL A 83 25.66 -19.22 -19.27
N GLU A 84 26.41 -20.32 -19.05
CA GLU A 84 27.51 -20.67 -19.95
C GLU A 84 27.02 -20.87 -21.38
N ALA A 85 25.83 -21.45 -21.55
CA ALA A 85 25.31 -21.72 -22.89
C ALA A 85 24.87 -20.46 -23.61
N ILE A 86 24.40 -19.43 -22.88
CA ILE A 86 23.93 -18.21 -23.54
C ILE A 86 25.10 -17.42 -24.11
N ALA A 87 26.12 -17.17 -23.27
CA ALA A 87 27.27 -16.37 -23.71
C ALA A 87 28.01 -17.00 -24.87
N GLN A 88 27.93 -18.33 -25.01
CA GLN A 88 28.65 -19.00 -26.08
C GLN A 88 28.01 -18.72 -27.44
N ARG A 89 26.68 -18.60 -27.49
CA ARG A 89 25.96 -18.55 -28.75
C ARG A 89 25.26 -17.23 -29.02
N PHE A 90 25.13 -16.35 -28.04
CA PHE A 90 24.36 -15.13 -28.20
C PHE A 90 25.15 -13.92 -27.69
N GLU A 91 24.73 -12.75 -28.17
CA GLU A 91 25.35 -11.48 -27.80
C GLU A 91 24.65 -10.80 -26.63
N VAL A 92 23.47 -11.26 -26.22
CA VAL A 92 22.70 -10.54 -25.21
C VAL A 92 23.43 -10.58 -23.87
N TRP A 93 23.04 -9.66 -23.00
CA TRP A 93 23.58 -9.63 -21.65
C TRP A 93 22.84 -10.62 -20.77
N ILE A 94 23.56 -11.21 -19.83
CA ILE A 94 23.02 -12.24 -18.95
C ILE A 94 23.10 -11.74 -17.53
N SER A 95 21.95 -11.56 -16.89
CA SER A 95 21.91 -11.30 -15.46
C SER A 95 21.54 -12.57 -14.73
N VAL A 96 22.08 -12.72 -13.52
CA VAL A 96 21.91 -13.93 -12.71
C VAL A 96 21.25 -13.56 -11.40
N ASP A 97 20.13 -14.23 -11.10
CA ASP A 97 19.40 -14.09 -9.83
C ASP A 97 19.94 -15.13 -8.86
N THR A 98 20.97 -14.76 -8.12
CA THR A 98 21.56 -15.66 -7.14
C THR A 98 22.01 -14.86 -5.92
N SER A 99 22.00 -15.53 -4.77
CA SER A 99 22.45 -14.95 -3.52
C SER A 99 23.68 -15.64 -2.95
N LYS A 100 24.04 -16.82 -3.47
CA LYS A 100 25.20 -17.50 -2.89
C LYS A 100 26.48 -17.00 -3.54
N PRO A 101 27.53 -16.80 -2.74
CA PRO A 101 28.81 -16.35 -3.31
C PRO A 101 29.41 -17.32 -4.32
N GLU A 102 29.15 -18.62 -4.16
CA GLU A 102 29.75 -19.60 -5.07
C GLU A 102 29.14 -19.50 -6.46
N VAL A 103 27.84 -19.24 -6.55
CA VAL A 103 27.21 -19.09 -7.87
C VAL A 103 27.63 -17.77 -8.51
N ILE A 104 27.88 -16.74 -7.70
CA ILE A 104 28.35 -15.46 -8.23
C ILE A 104 29.73 -15.62 -8.85
N ARG A 105 30.63 -16.34 -8.18
CA ARG A 105 31.97 -16.56 -8.73
C ARG A 105 31.92 -17.38 -10.01
N GLU A 106 31.10 -18.43 -10.03
CA GLU A 106 31.06 -19.32 -11.19
C GLU A 106 30.28 -18.71 -12.35
N SER A 107 29.25 -17.90 -12.06
CA SER A 107 28.55 -17.20 -13.14
C SER A 107 29.46 -16.20 -13.82
N ALA A 108 30.27 -15.47 -13.05
CA ALA A 108 31.19 -14.52 -13.65
C ALA A 108 32.24 -15.22 -14.51
N LYS A 109 32.56 -16.47 -14.17
CA LYS A 109 33.56 -17.20 -14.96
C LYS A 109 33.01 -17.61 -16.32
N VAL A 110 31.76 -18.06 -16.38
CA VAL A 110 31.19 -18.56 -17.63
C VAL A 110 30.64 -17.47 -18.52
N GLY A 111 30.66 -16.21 -18.08
CA GLY A 111 30.31 -15.11 -18.96
C GLY A 111 29.13 -14.24 -18.56
N ALA A 112 28.76 -14.24 -17.28
CA ALA A 112 27.62 -13.44 -16.84
C ALA A 112 27.98 -11.96 -16.83
N HIS A 113 26.95 -11.13 -16.97
CA HIS A 113 27.11 -9.67 -17.06
C HIS A 113 26.71 -8.96 -15.77
N ILE A 114 25.46 -9.10 -15.37
CA ILE A 114 24.90 -8.36 -14.23
C ILE A 114 24.64 -9.35 -13.10
N ILE A 115 25.11 -9.01 -11.90
CA ILE A 115 24.74 -9.73 -10.69
C ILE A 115 23.46 -9.10 -10.16
N ASN A 116 22.38 -9.87 -10.18
CA ASN A 116 21.06 -9.40 -9.77
C ASN A 116 20.67 -10.24 -8.56
N ASP A 117 20.90 -9.72 -7.35
CA ASP A 117 20.58 -10.44 -6.14
C ASP A 117 19.28 -9.90 -5.55
N ILE A 118 18.31 -10.80 -5.35
CA ILE A 118 17.06 -10.42 -4.72
C ILE A 118 17.29 -9.99 -3.28
N ARG A 119 18.40 -10.42 -2.66
CA ARG A 119 18.72 -10.09 -1.28
C ARG A 119 19.73 -8.96 -1.16
N SER A 120 20.17 -8.38 -2.29
CA SER A 120 21.14 -7.30 -2.30
C SER A 120 22.43 -7.70 -1.57
N LEU A 121 22.90 -8.91 -1.85
CA LEU A 121 24.19 -9.42 -1.35
C LEU A 121 24.26 -9.38 0.18
N SER A 122 23.20 -9.83 0.84
CA SER A 122 23.18 -9.87 2.29
C SER A 122 23.66 -11.19 2.86
N GLU A 123 23.73 -12.24 2.05
CA GLU A 123 24.19 -13.53 2.52
C GLU A 123 25.68 -13.49 2.85
N PRO A 124 26.15 -14.32 3.78
CA PRO A 124 27.57 -14.29 4.14
C PRO A 124 28.46 -14.63 2.95
N GLY A 125 29.40 -13.72 2.66
CA GLY A 125 30.31 -13.89 1.56
C GLY A 125 29.80 -13.40 0.22
N ALA A 126 28.53 -12.99 0.13
CA ALA A 126 27.96 -12.60 -1.16
C ALA A 126 28.54 -11.29 -1.66
N LEU A 127 28.58 -10.28 -0.79
CA LEU A 127 29.11 -8.98 -1.19
C LEU A 127 30.58 -9.08 -1.56
N GLU A 128 31.35 -9.87 -0.81
CA GLU A 128 32.78 -10.02 -1.10
C GLU A 128 33.01 -10.65 -2.46
N ALA A 129 32.15 -11.60 -2.84
CA ALA A 129 32.28 -12.25 -4.14
C ALA A 129 31.96 -11.27 -5.28
N ALA A 130 30.85 -10.53 -5.13
CA ALA A 130 30.42 -9.62 -6.19
C ALA A 130 31.45 -8.55 -6.49
N ALA A 131 32.26 -8.18 -5.49
CA ALA A 131 33.32 -7.19 -5.71
C ALA A 131 34.48 -7.82 -6.48
N GLU A 132 34.79 -9.08 -6.19
CA GLU A 132 35.90 -9.74 -6.87
C GLU A 132 35.61 -9.91 -8.36
N THR A 133 34.34 -10.17 -8.70
CA THR A 133 33.98 -10.30 -10.11
C THR A 133 34.13 -8.98 -10.87
N GLY A 134 34.07 -7.85 -10.17
CA GLY A 134 34.07 -6.56 -10.82
C GLY A 134 32.87 -6.30 -11.71
N LEU A 135 31.81 -7.11 -11.58
CA LEU A 135 30.64 -6.98 -12.44
C LEU A 135 29.66 -5.97 -11.86
N PRO A 136 28.73 -5.47 -12.68
CA PRO A 136 27.66 -4.62 -12.14
C PRO A 136 26.68 -5.39 -11.28
N VAL A 137 26.33 -4.81 -10.13
CA VAL A 137 25.38 -5.42 -9.20
C VAL A 137 24.11 -4.58 -9.18
N CYS A 138 22.96 -5.26 -9.07
CA CYS A 138 21.67 -4.60 -8.94
C CYS A 138 21.22 -4.68 -7.48
N LEU A 139 21.03 -3.52 -6.85
CA LEU A 139 20.54 -3.44 -5.48
C LEU A 139 19.03 -3.24 -5.49
N MET A 140 18.32 -4.12 -4.80
CA MET A 140 16.86 -4.11 -4.74
C MET A 140 16.38 -4.00 -3.30
N HIS A 141 15.30 -3.26 -3.10
CA HIS A 141 14.75 -3.06 -1.77
C HIS A 141 13.70 -4.11 -1.43
N MET A 142 13.68 -4.54 -0.17
CA MET A 142 12.70 -5.50 0.30
C MET A 142 12.65 -5.46 1.82
N GLN A 143 11.46 -5.68 2.37
CA GLN A 143 11.28 -5.73 3.82
C GLN A 143 11.33 -7.17 4.32
N GLY A 144 10.33 -7.95 3.96
CA GLY A 144 10.26 -9.35 4.34
C GLY A 144 9.61 -10.22 3.29
N MET A 149 5.20 -15.41 2.86
CA MET A 149 3.75 -15.45 2.71
C MET A 149 3.06 -14.51 3.70
N GLN A 150 3.86 -13.80 4.48
CA GLN A 150 3.35 -12.90 5.50
C GLN A 150 2.97 -11.55 4.90
N GLU A 151 2.53 -10.63 5.75
CA GLU A 151 2.01 -9.34 5.33
C GLU A 151 3.14 -8.34 5.05
N ALA A 152 2.75 -7.17 4.52
CA ALA A 152 3.66 -6.07 4.22
C ALA A 152 3.69 -5.10 5.40
N PRO A 153 4.87 -4.66 5.85
CA PRO A 153 4.94 -3.79 7.04
C PRO A 153 4.38 -2.40 6.81
N LYS A 154 4.31 -1.61 7.89
CA LYS A 154 3.85 -0.22 7.83
C LYS A 154 5.05 0.71 7.71
N TYR A 155 4.92 1.72 6.86
CA TYR A 155 6.00 2.66 6.58
C TYR A 155 5.64 4.05 7.08
N ASP A 156 6.64 4.78 7.57
CA ASP A 156 6.48 6.21 7.78
C ASP A 156 6.18 6.91 6.46
N ASP A 157 6.97 6.60 5.44
CA ASP A 157 6.71 6.99 4.05
C ASP A 157 7.51 6.05 3.17
N VAL A 158 6.82 5.35 2.27
CA VAL A 158 7.47 4.26 1.53
C VAL A 158 8.57 4.79 0.61
N PHE A 159 8.41 6.00 0.08
CA PHE A 159 9.46 6.56 -0.78
C PHE A 159 10.69 6.95 0.03
N ALA A 160 10.49 7.53 1.21
CA ALA A 160 11.62 7.97 2.02
C ALA A 160 12.48 6.79 2.48
N GLU A 161 11.84 5.69 2.89
CA GLU A 161 12.61 4.56 3.42
C GLU A 161 13.37 3.85 2.31
N VAL A 162 12.72 3.60 1.17
CA VAL A 162 13.41 2.98 0.04
C VAL A 162 14.63 3.81 -0.34
N ASN A 163 14.47 5.14 -0.40
CA ASN A 163 15.60 6.03 -0.63
C ASN A 163 16.68 5.83 0.44
N ARG A 164 16.26 5.85 1.72
CA ARG A 164 17.23 5.66 2.80
C ARG A 164 17.85 4.26 2.74
N TYR A 165 17.10 3.26 2.29
CA TYR A 165 17.67 1.94 2.09
C TYR A 165 18.78 1.95 1.04
N PHE A 166 18.64 2.80 0.01
CA PHE A 166 19.65 2.88 -1.02
C PHE A 166 20.95 3.47 -0.48
N ILE A 167 20.93 4.74 -0.05
CA ILE A 167 22.11 5.43 0.47
C ILE A 167 22.89 4.51 1.40
N GLU A 168 22.19 3.73 2.20
CA GLU A 168 22.85 2.75 3.06
C GLU A 168 23.48 1.63 2.23
N GLN A 169 22.84 1.26 1.12
CA GLN A 169 23.36 0.14 0.34
C GLN A 169 24.48 0.57 -0.60
N ILE A 170 24.36 1.74 -1.24
CA ILE A 170 25.48 2.26 -2.03
C ILE A 170 26.71 2.43 -1.13
N ALA A 171 26.55 3.08 0.02
CA ALA A 171 27.65 3.24 0.94
C ALA A 171 28.24 1.88 1.32
N ARG A 172 27.38 0.89 1.53
CA ARG A 172 27.85 -0.45 1.89
C ARG A 172 28.58 -1.11 0.72
N CYS A 173 28.16 -0.83 -0.51
CA CYS A 173 28.87 -1.35 -1.68
C CYS A 173 30.27 -0.76 -1.79
N GLU A 174 30.37 0.57 -1.72
CA GLU A 174 31.66 1.23 -1.89
C GLU A 174 32.66 0.81 -0.81
N GLN A 175 32.16 0.48 0.38
CA GLN A 175 33.04 -0.01 1.44
C GLN A 175 33.71 -1.33 1.07
N ALA A 176 33.18 -2.04 0.07
CA ALA A 176 33.69 -3.35 -0.33
C ALA A 176 34.53 -3.30 -1.60
N GLY A 177 34.61 -2.14 -2.25
CA GLY A 177 35.38 -2.00 -3.47
C GLY A 177 34.53 -1.93 -4.73
N ILE A 178 33.23 -2.17 -4.62
CA ILE A 178 32.34 -2.02 -5.77
C ILE A 178 32.15 -0.54 -6.00
N ALA A 179 32.72 -0.02 -7.09
CA ALA A 179 32.56 1.39 -7.42
C ALA A 179 31.09 1.71 -7.62
N LYS A 180 30.73 2.95 -7.31
CA LYS A 180 29.34 3.38 -7.41
C LYS A 180 28.83 3.31 -8.84
N GLU A 181 29.73 3.42 -9.82
CA GLU A 181 29.31 3.47 -11.22
C GLU A 181 28.88 2.10 -11.75
N LYS A 182 29.08 1.03 -10.98
CA LYS A 182 28.67 -0.30 -11.38
C LYS A 182 27.31 -0.71 -10.84
N LEU A 183 26.69 0.12 -9.99
CA LEU A 183 25.47 -0.27 -9.29
C LEU A 183 24.23 0.01 -10.12
N LEU A 184 23.17 -0.72 -9.77
CA LEU A 184 21.84 -0.53 -10.34
C LEU A 184 20.82 -0.58 -9.22
N LEU A 185 19.74 0.20 -9.35
CA LEU A 185 18.70 0.28 -8.33
C LEU A 185 17.38 -0.23 -8.87
N ASP A 186 16.61 -0.85 -7.97
CA ASP A 186 15.30 -1.43 -8.23
C ASP A 186 14.44 -1.26 -6.98
N PRO A 187 13.29 -0.59 -7.09
CA PRO A 187 12.47 -0.34 -5.89
C PRO A 187 11.95 -1.60 -5.22
N GLY A 188 11.79 -2.69 -5.97
CA GLY A 188 11.26 -3.91 -5.40
C GLY A 188 9.75 -3.96 -5.46
N PHE A 189 9.19 -3.58 -6.61
CA PHE A 189 7.75 -3.69 -6.82
C PHE A 189 7.29 -5.11 -6.54
N GLY A 190 6.13 -5.23 -5.88
CA GLY A 190 5.53 -6.52 -5.66
C GLY A 190 5.18 -6.82 -4.21
N PHE A 191 4.06 -7.50 -3.99
CA PHE A 191 3.66 -7.93 -2.66
C PHE A 191 4.37 -9.23 -2.29
N GLY A 192 5.69 -9.23 -2.40
CA GLY A 192 6.51 -10.33 -1.96
C GLY A 192 7.75 -9.78 -1.30
N PHE A 193 7.98 -8.49 -1.53
CA PHE A 193 9.07 -7.74 -0.92
C PHE A 193 8.57 -6.80 0.17
N GLY A 194 7.32 -6.93 0.59
CA GLY A 194 6.79 -6.17 1.70
C GLY A 194 6.22 -4.81 1.33
N LYS A 195 5.35 -4.76 0.32
CA LYS A 195 4.74 -3.51 -0.12
C LYS A 195 3.36 -3.80 -0.67
N ASN A 196 2.34 -3.14 -0.12
CA ASN A 196 0.95 -3.40 -0.53
C ASN A 196 0.59 -2.54 -1.74
N LEU A 197 -0.68 -2.58 -2.14
CA LEU A 197 -1.10 -1.98 -3.40
C LEU A 197 -0.86 -0.47 -3.42
N SER A 198 -1.05 0.19 -2.28
CA SER A 198 -0.81 1.64 -2.22
C SER A 198 0.68 1.94 -2.24
N HIS A 199 1.49 1.14 -1.54
CA HIS A 199 2.93 1.35 -1.57
C HIS A 199 3.49 1.13 -2.96
N ASN A 200 2.98 0.11 -3.67
CA ASN A 200 3.49 -0.20 -5.00
C ASN A 200 3.19 0.93 -5.98
N TYR A 201 1.98 1.49 -5.93
CA TYR A 201 1.64 2.55 -6.87
C TYR A 201 2.24 3.89 -6.47
N SER A 202 2.56 4.07 -5.19
CA SER A 202 3.29 5.28 -4.80
C SER A 202 4.68 5.30 -5.41
N LEU A 203 5.36 4.15 -5.43
CA LEU A 203 6.69 4.10 -6.02
C LEU A 203 6.63 4.32 -7.53
N LEU A 204 5.64 3.70 -8.19
CA LEU A 204 5.52 3.89 -9.63
C LEU A 204 5.20 5.34 -9.97
N ALA A 205 4.50 6.03 -9.09
CA ALA A 205 4.14 7.42 -9.38
C ALA A 205 5.32 8.35 -9.21
N ARG A 206 6.20 8.06 -8.25
CA ARG A 206 7.34 8.92 -7.93
C ARG A 206 8.68 8.30 -8.36
N LEU A 207 8.68 7.58 -9.48
CA LEU A 207 9.88 6.89 -9.92
C LEU A 207 10.97 7.87 -10.35
N ALA A 208 10.60 8.89 -11.13
CA ALA A 208 11.58 9.84 -11.66
C ALA A 208 12.37 10.54 -10.56
N GLU A 209 11.85 10.61 -9.35
CA GLU A 209 12.60 11.23 -8.28
C GLU A 209 13.86 10.44 -7.94
N PHE A 210 13.85 9.14 -8.22
CA PHE A 210 14.99 8.29 -7.89
C PHE A 210 16.22 8.58 -8.73
N HIS A 211 16.09 9.43 -9.75
CA HIS A 211 17.21 9.78 -10.61
C HIS A 211 18.24 10.68 -9.94
N HIS A 212 17.93 11.26 -8.78
CA HIS A 212 18.90 12.09 -8.09
C HIS A 212 20.16 11.30 -7.72
N PHE A 213 20.09 9.97 -7.71
CA PHE A 213 21.27 9.13 -7.55
C PHE A 213 22.13 9.11 -8.81
N ASN A 214 21.56 9.48 -9.96
CA ASN A 214 22.25 9.47 -11.25
C ASN A 214 22.79 8.07 -11.57
N LEU A 215 21.91 7.09 -11.43
CA LEU A 215 22.26 5.68 -11.59
C LEU A 215 21.14 4.99 -12.36
N PRO A 216 21.41 3.80 -12.89
CA PRO A 216 20.37 3.09 -13.66
C PRO A 216 19.21 2.62 -12.78
N LEU A 217 18.05 2.50 -13.42
CA LEU A 217 16.81 2.11 -12.76
C LEU A 217 16.27 0.82 -13.39
N LEU A 218 16.59 -0.31 -12.77
CA LEU A 218 15.97 -1.58 -13.13
C LEU A 218 14.59 -1.65 -12.51
N VAL A 219 13.60 -2.05 -13.29
CA VAL A 219 12.20 -2.06 -12.87
C VAL A 219 11.57 -3.36 -13.32
N GLY A 220 10.80 -3.99 -12.43
CA GLY A 220 10.13 -5.22 -12.76
C GLY A 220 8.78 -5.39 -12.10
N MET A 221 7.70 -5.23 -12.86
CA MET A 221 6.34 -5.37 -12.35
C MET A 221 5.51 -6.30 -13.21
N SER A 222 6.15 -7.23 -13.91
CA SER A 222 5.44 -8.07 -14.88
C SER A 222 4.52 -9.05 -14.17
N ARG A 223 3.22 -8.95 -14.45
CA ARG A 223 2.20 -9.90 -14.00
C ARG A 223 2.12 -9.99 -12.48
N LYS A 224 2.48 -8.92 -11.78
CA LYS A 224 2.56 -8.95 -10.33
C LYS A 224 1.20 -8.69 -9.69
N SER A 225 1.15 -8.79 -8.36
CA SER A 225 -0.11 -8.62 -7.64
C SER A 225 -0.60 -7.18 -7.72
N MET A 226 0.29 -6.21 -7.91
CA MET A 226 -0.14 -4.82 -8.06
C MET A 226 -0.90 -4.58 -9.36
N ILE A 227 -0.96 -5.56 -10.24
CA ILE A 227 -1.84 -5.52 -11.41
C ILE A 227 -3.00 -6.50 -11.27
N GLY A 228 -2.74 -7.67 -10.68
CA GLY A 228 -3.80 -8.66 -10.53
C GLY A 228 -4.88 -8.21 -9.58
N GLN A 229 -4.50 -7.55 -8.48
CA GLN A 229 -5.50 -7.11 -7.51
C GLN A 229 -6.29 -5.90 -8.00
N LEU A 230 -5.66 -5.02 -8.78
CA LEU A 230 -6.34 -3.82 -9.25
C LEU A 230 -7.31 -4.14 -10.38
N LEU A 231 -6.93 -5.02 -11.30
CA LEU A 231 -7.78 -5.35 -12.44
C LEU A 231 -8.72 -6.53 -12.17
N ASN A 232 -8.45 -7.32 -11.14
CA ASN A 232 -9.25 -8.49 -10.78
C ASN A 232 -9.30 -9.49 -11.93
N VAL A 233 -8.12 -10.04 -12.23
CA VAL A 233 -7.94 -11.02 -13.30
C VAL A 233 -6.90 -12.05 -12.87
N GLY A 234 -6.99 -13.23 -13.49
CA GLY A 234 -6.05 -14.29 -13.23
C GLY A 234 -4.64 -13.95 -13.69
N PRO A 235 -3.68 -14.79 -13.33
CA PRO A 235 -2.26 -14.47 -13.62
C PRO A 235 -1.93 -14.44 -15.11
N SER A 236 -2.83 -14.89 -15.98
CA SER A 236 -2.56 -14.95 -17.41
C SER A 236 -3.16 -13.79 -18.20
N GLU A 237 -4.08 -13.03 -17.61
CA GLU A 237 -4.75 -11.94 -18.32
C GLU A 237 -4.20 -10.56 -17.93
N ARG A 238 -2.95 -10.50 -17.47
CA ARG A 238 -2.37 -9.27 -16.96
C ARG A 238 -1.47 -8.57 -17.96
N LEU A 239 -1.62 -8.87 -19.25
CA LEU A 239 -0.72 -8.30 -20.26
C LEU A 239 -0.91 -6.79 -20.38
N SER A 240 -2.16 -6.35 -20.56
CA SER A 240 -2.41 -4.92 -20.75
C SER A 240 -1.97 -4.13 -19.52
N GLY A 241 -2.27 -4.61 -18.33
CA GLY A 241 -1.86 -3.90 -17.13
C GLY A 241 -0.35 -3.89 -16.96
N SER A 242 0.32 -4.97 -17.34
CA SER A 242 1.79 -4.98 -17.28
C SER A 242 2.38 -4.03 -18.30
N LEU A 243 1.78 -3.94 -19.49
CA LEU A 243 2.23 -2.98 -20.49
C LEU A 243 2.04 -1.55 -20.02
N ALA A 244 0.90 -1.26 -19.37
CA ALA A 244 0.65 0.08 -18.86
C ALA A 244 1.67 0.44 -17.77
N CYS A 245 2.00 -0.51 -16.91
CA CYS A 245 3.03 -0.30 -15.90
C CYS A 245 4.38 -0.01 -16.55
N ALA A 246 4.77 -0.85 -17.52
CA ALA A 246 6.07 -0.69 -18.17
C ALA A 246 6.19 0.67 -18.85
N VAL A 247 5.13 1.12 -19.51
CA VAL A 247 5.17 2.42 -20.18
C VAL A 247 5.32 3.54 -19.15
N ILE A 248 4.59 3.44 -18.02
CA ILE A 248 4.69 4.48 -17.00
C ILE A 248 6.12 4.57 -16.47
N ALA A 249 6.73 3.42 -16.16
CA ALA A 249 8.11 3.43 -15.71
C ALA A 249 9.06 3.95 -16.79
N ALA A 250 8.89 3.48 -18.03
CA ALA A 250 9.76 3.96 -19.11
C ALA A 250 9.53 5.42 -19.43
N MET A 251 8.29 5.90 -19.29
CA MET A 251 8.02 7.32 -19.51
C MET A 251 8.81 8.17 -18.53
N GLN A 252 9.07 7.66 -17.33
CA GLN A 252 9.81 8.37 -16.31
C GLN A 252 11.31 8.17 -16.41
N GLY A 253 11.77 7.34 -17.33
CA GLY A 253 13.19 7.13 -17.53
C GLY A 253 13.78 5.87 -16.96
N ALA A 254 12.96 4.88 -16.59
CA ALA A 254 13.51 3.59 -16.22
C ALA A 254 14.35 3.06 -17.37
N HIS A 255 15.46 2.41 -17.03
CA HIS A 255 16.42 2.01 -18.05
C HIS A 255 16.30 0.55 -18.45
N ILE A 256 15.92 -0.32 -17.52
CA ILE A 256 15.73 -1.74 -17.80
C ILE A 256 14.36 -2.14 -17.24
N ILE A 257 13.57 -2.83 -18.06
CA ILE A 257 12.23 -3.28 -17.68
C ILE A 257 12.22 -4.81 -17.74
N ARG A 258 12.00 -5.44 -16.59
CA ARG A 258 12.06 -6.90 -16.47
C ARG A 258 10.65 -7.46 -16.65
N VAL A 259 10.39 -8.09 -17.79
CA VAL A 259 9.04 -8.50 -18.18
C VAL A 259 9.02 -9.95 -18.65
N HIS A 260 7.81 -10.54 -18.62
CA HIS A 260 7.58 -11.87 -19.18
C HIS A 260 7.23 -11.81 -20.66
N ASP A 261 6.42 -10.84 -21.07
CA ASP A 261 5.97 -10.72 -22.46
C ASP A 261 6.91 -9.76 -23.19
N VAL A 262 7.98 -10.32 -23.77
CA VAL A 262 9.02 -9.49 -24.34
C VAL A 262 8.54 -8.82 -25.64
N LYS A 263 7.87 -9.57 -26.52
CA LYS A 263 7.51 -9.02 -27.83
C LYS A 263 6.63 -7.78 -27.69
N GLU A 264 5.68 -7.83 -26.76
CA GLU A 264 4.76 -6.71 -26.56
C GLU A 264 5.44 -5.55 -25.83
N THR A 265 6.26 -5.85 -24.82
CA THR A 265 6.99 -4.82 -24.11
C THR A 265 7.91 -4.05 -25.05
N VAL A 266 8.68 -4.78 -25.88
CA VAL A 266 9.59 -4.14 -26.82
C VAL A 266 8.83 -3.23 -27.77
N GLU A 267 7.63 -3.66 -28.20
CA GLU A 267 6.80 -2.82 -29.05
C GLU A 267 6.39 -1.54 -28.35
N ALA A 268 6.00 -1.66 -27.07
CA ALA A 268 5.61 -0.47 -26.31
C ALA A 268 6.80 0.44 -26.06
N MET A 269 7.98 -0.13 -25.81
CA MET A 269 9.17 0.68 -25.63
C MET A 269 9.47 1.53 -26.86
N ARG A 270 9.30 0.96 -28.06
CA ARG A 270 9.57 1.74 -29.26
C ARG A 270 8.65 2.94 -29.36
N VAL A 271 7.41 2.82 -28.88
CA VAL A 271 6.55 3.99 -28.80
C VAL A 271 7.09 4.95 -27.75
N VAL A 272 7.57 4.43 -26.63
CA VAL A 272 8.16 5.27 -25.60
C VAL A 272 9.35 6.05 -26.15
N GLU A 273 10.28 5.34 -26.81
CA GLU A 273 11.44 6.01 -27.40
C GLU A 273 11.02 7.07 -28.41
N ALA A 274 10.16 6.70 -29.35
CA ALA A 274 9.69 7.67 -30.33
C ALA A 274 9.03 8.86 -29.65
N THR A 275 8.46 8.65 -28.46
CA THR A 275 7.86 9.76 -27.71
C THR A 275 8.93 10.56 -26.97
N LEU A 276 9.81 9.87 -26.24
CA LEU A 276 10.89 10.57 -25.54
C LEU A 276 11.87 11.24 -26.50
N SER A 277 11.93 10.80 -27.76
CA SER A 277 12.82 11.41 -28.73
C SER A 277 12.32 12.79 -29.18
N ALA A 278 11.01 12.99 -29.22
CA ALA A 278 10.44 14.27 -29.63
C ALA A 278 10.25 15.24 -28.47
N LYS A 279 10.42 14.76 -27.23
CA LYS A 279 10.28 15.62 -26.07
C LYS A 279 11.52 16.51 -25.92
N GLU A 280 11.39 17.54 -25.09
CA GLU A 280 12.47 18.50 -24.92
C GLU A 280 13.55 17.99 -23.97
N ASN A 281 13.17 17.31 -22.89
CA ASN A 281 14.12 16.92 -21.85
C ASN A 281 14.18 15.41 -21.61
N LYS A 282 13.58 14.61 -22.50
CA LYS A 282 13.72 13.15 -22.50
C LYS A 282 13.21 12.49 -21.21
N ARG A 283 12.34 13.15 -20.46
CA ARG A 283 11.83 12.56 -19.22
C ARG A 283 10.54 13.25 -18.81
N TYR A 284 9.59 12.45 -18.34
CA TYR A 284 8.31 12.95 -17.83
C TYR A 284 8.36 12.99 -16.31
N GLU A 285 8.17 14.17 -15.74
CA GLU A 285 8.16 14.31 -14.30
C GLU A 285 6.72 14.52 -13.80
N GLY B 1 -9.21 22.13 3.20
CA GLY B 1 -7.86 22.54 3.54
C GLY B 1 -7.21 21.63 4.57
N MET B 2 -8.04 21.00 5.39
CA MET B 2 -7.55 20.12 6.43
C MET B 2 -7.34 18.71 5.88
N LYS B 3 -6.19 18.12 6.22
CA LYS B 3 -5.81 16.82 5.68
C LYS B 3 -5.48 15.86 6.81
N LEU B 4 -5.64 14.57 6.53
CA LEU B 4 -5.15 13.51 7.40
C LEU B 4 -4.03 12.76 6.68
N PHE B 5 -3.05 12.30 7.46
CA PHE B 5 -1.91 11.57 6.89
C PHE B 5 -1.74 10.26 7.65
N ALA B 6 -1.68 9.16 6.90
CA ALA B 6 -1.46 7.84 7.50
C ALA B 6 -0.96 6.89 6.42
N GLN B 7 0.03 6.08 6.77
CA GLN B 7 0.54 5.02 5.89
C GLN B 7 0.98 5.57 4.53
N GLY B 8 1.50 6.80 4.52
CA GLY B 8 2.06 7.40 3.33
C GLY B 8 1.07 8.12 2.44
N THR B 9 -0.23 7.95 2.64
CA THR B 9 -1.24 8.60 1.83
C THR B 9 -1.92 9.71 2.62
N SER B 10 -2.84 10.40 1.94
CA SER B 10 -3.54 11.53 2.53
C SER B 10 -5.04 11.36 2.32
N LEU B 11 -5.80 11.94 3.24
CA LEU B 11 -7.26 12.01 3.13
C LEU B 11 -7.64 13.49 3.14
N ASP B 12 -8.26 13.94 2.06
CA ASP B 12 -8.58 15.35 1.88
C ASP B 12 -9.99 15.62 2.39
N LEU B 13 -10.07 16.26 3.57
CA LEU B 13 -11.35 16.61 4.19
C LEU B 13 -11.90 17.93 3.68
N SER B 14 -11.76 18.21 2.38
CA SER B 14 -12.38 19.41 1.81
C SER B 14 -13.86 19.20 1.53
N HIS B 15 -14.23 17.97 1.18
CA HIS B 15 -15.60 17.55 0.96
C HIS B 15 -15.96 16.41 1.91
N PRO B 16 -17.23 16.29 2.30
CA PRO B 16 -17.60 15.27 3.29
C PRO B 16 -17.36 13.87 2.76
N HIS B 17 -16.73 13.05 3.60
CA HIS B 17 -16.41 11.67 3.28
C HIS B 17 -17.44 10.72 3.89
N VAL B 18 -17.73 9.66 3.16
CA VAL B 18 -18.69 8.64 3.59
C VAL B 18 -17.90 7.41 4.01
N MET B 19 -18.09 6.99 5.25
CA MET B 19 -17.40 5.84 5.81
C MET B 19 -18.41 4.70 6.00
N GLY B 20 -18.18 3.59 5.30
CA GLY B 20 -19.05 2.43 5.41
C GLY B 20 -18.64 1.51 6.55
N ILE B 21 -19.65 0.88 7.18
CA ILE B 21 -19.43 -0.03 8.30
C ILE B 21 -19.23 -1.44 7.77
N LEU B 22 -18.28 -2.16 8.36
CA LEU B 22 -17.93 -3.53 7.97
C LEU B 22 -17.62 -4.29 9.26
N ASN B 23 -18.65 -4.83 9.90
CA ASN B 23 -18.46 -5.54 11.15
C ASN B 23 -18.07 -6.99 10.89
N VAL B 24 -17.11 -7.47 11.68
CA VAL B 24 -16.64 -8.85 11.58
C VAL B 24 -16.76 -9.51 12.95
N THR B 25 -17.94 -9.45 13.54
CA THR B 25 -18.15 -10.07 14.85
C THR B 25 -18.24 -11.58 14.72
N PRO B 26 -17.90 -12.33 15.78
CA PRO B 26 -18.04 -13.80 15.72
C PRO B 26 -19.45 -14.26 15.35
N ASP B 27 -20.46 -13.41 15.52
CA ASP B 27 -21.82 -13.74 15.12
C ASP B 27 -22.03 -13.38 13.65
N THR B 34 -12.44 -18.57 12.04
CA THR B 34 -12.84 -17.86 10.83
C THR B 34 -13.16 -18.83 9.70
N HIS B 35 -14.37 -18.75 9.17
CA HIS B 35 -14.80 -19.61 8.08
C HIS B 35 -14.54 -18.91 6.75
N ASN B 36 -15.29 -19.29 5.70
CA ASN B 36 -15.13 -18.70 4.38
C ASN B 36 -15.77 -17.31 4.34
N SER B 37 -16.03 -16.73 5.50
CA SER B 37 -16.64 -15.41 5.59
C SER B 37 -15.64 -14.29 5.33
N LEU B 38 -14.36 -14.60 5.15
CA LEU B 38 -13.39 -13.56 4.82
C LEU B 38 -13.67 -12.98 3.44
N ILE B 39 -14.06 -13.82 2.48
CA ILE B 39 -14.35 -13.30 1.15
C ILE B 39 -15.63 -12.47 1.18
N ASP B 40 -16.53 -12.75 2.12
CA ASP B 40 -17.77 -11.99 2.21
C ASP B 40 -17.52 -10.55 2.68
N ALA B 41 -16.50 -10.35 3.51
CA ALA B 41 -16.13 -8.99 3.91
C ALA B 41 -15.51 -8.22 2.74
N VAL B 42 -14.69 -8.89 1.93
CA VAL B 42 -14.09 -8.22 0.78
C VAL B 42 -15.15 -7.88 -0.26
N LYS B 43 -16.05 -8.83 -0.55
CA LYS B 43 -17.17 -8.55 -1.44
C LYS B 43 -17.98 -7.35 -0.95
N HIS B 44 -18.24 -7.29 0.36
CA HIS B 44 -18.98 -6.17 0.91
C HIS B 44 -18.15 -4.89 0.88
N ALA B 45 -16.88 -4.97 1.31
CA ALA B 45 -15.97 -3.83 1.16
C ALA B 45 -15.94 -3.33 -0.28
N ASN B 46 -15.84 -4.27 -1.23
CA ASN B 46 -15.86 -3.88 -2.64
C ASN B 46 -17.16 -3.16 -2.99
N LEU B 47 -18.30 -3.69 -2.53
CA LEU B 47 -19.58 -3.07 -2.85
C LEU B 47 -19.64 -1.64 -2.30
N MET B 48 -19.14 -1.42 -1.09
CA MET B 48 -19.17 -0.08 -0.51
C MET B 48 -18.23 0.87 -1.24
N ILE B 49 -17.04 0.40 -1.62
CA ILE B 49 -16.09 1.24 -2.33
C ILE B 49 -16.66 1.70 -3.67
N ASN B 50 -17.31 0.80 -4.41
CA ASN B 50 -17.91 1.19 -5.67
C ASN B 50 -19.11 2.12 -5.47
N ALA B 51 -19.82 1.98 -4.35
CA ALA B 51 -20.95 2.84 -4.07
C ALA B 51 -20.52 4.26 -3.68
N GLY B 52 -19.27 4.42 -3.24
CA GLY B 52 -18.72 5.74 -3.06
C GLY B 52 -18.01 5.94 -1.74
N ALA B 53 -17.86 4.86 -0.98
CA ALA B 53 -17.22 4.96 0.33
C ALA B 53 -15.72 5.16 0.17
N THR B 54 -15.18 6.12 0.91
CA THR B 54 -13.75 6.40 0.87
C THR B 54 -13.03 5.92 2.12
N ILE B 55 -13.75 5.54 3.16
CA ILE B 55 -13.18 4.93 4.35
C ILE B 55 -14.05 3.73 4.73
N ILE B 56 -13.41 2.66 5.22
CA ILE B 56 -14.09 1.46 5.66
C ILE B 56 -13.77 1.27 7.13
N ASP B 57 -14.81 1.06 7.95
CA ASP B 57 -14.66 0.87 9.38
C ASP B 57 -14.84 -0.61 9.70
N VAL B 58 -13.74 -1.26 10.07
CA VAL B 58 -13.74 -2.69 10.38
C VAL B 58 -13.83 -2.84 11.89
N GLY B 59 -14.91 -3.45 12.37
CA GLY B 59 -15.11 -3.60 13.79
C GLY B 59 -15.40 -5.02 14.23
N GLY B 60 -14.49 -5.62 15.00
CA GLY B 60 -14.67 -6.97 15.47
C GLY B 60 -15.46 -7.13 16.74
N GLU B 61 -15.96 -6.03 17.30
CA GLU B 61 -16.75 -6.05 18.53
C GLU B 61 -18.04 -5.31 18.30
N SER B 62 -19.15 -5.88 18.76
CA SER B 62 -20.47 -5.25 18.64
C SER B 62 -20.68 -4.19 19.71
N ALA B 68 -22.20 -8.96 23.93
CA ALA B 68 -21.28 -9.89 24.60
C ALA B 68 -19.83 -9.45 24.42
N GLU B 69 -18.97 -9.86 25.34
CA GLU B 69 -17.55 -9.53 25.27
C GLU B 69 -16.81 -10.54 24.40
N VAL B 70 -15.82 -10.04 23.67
CA VAL B 70 -15.01 -10.84 22.76
C VAL B 70 -13.56 -10.81 23.25
N SER B 71 -12.97 -12.00 23.40
CA SER B 71 -11.61 -12.09 23.94
C SER B 71 -10.60 -11.51 22.97
N VAL B 72 -9.33 -11.49 23.39
CA VAL B 72 -8.28 -10.93 22.56
C VAL B 72 -8.09 -11.76 21.29
N GLU B 73 -7.93 -13.08 21.46
CA GLU B 73 -7.60 -13.94 20.33
C GLU B 73 -8.68 -13.92 19.24
N GLU B 74 -9.94 -13.65 19.62
CA GLU B 74 -11.01 -13.64 18.61
C GLU B 74 -10.87 -12.46 17.66
N GLU B 75 -10.32 -11.33 18.13
CA GLU B 75 -10.27 -10.14 17.30
C GLU B 75 -9.13 -10.20 16.30
N LEU B 76 -7.94 -10.61 16.74
CA LEU B 76 -6.83 -10.79 15.80
C LEU B 76 -7.22 -11.73 14.67
N GLN B 77 -7.90 -12.83 15.00
CA GLN B 77 -8.30 -13.80 13.99
C GLN B 77 -9.29 -13.18 13.00
N ARG B 78 -10.06 -12.17 13.42
CA ARG B 78 -11.14 -11.62 12.61
C ARG B 78 -10.84 -10.25 12.04
N VAL B 79 -10.11 -9.40 12.76
CA VAL B 79 -9.88 -8.03 12.30
C VAL B 79 -8.66 -7.97 11.39
N ILE B 80 -7.56 -8.60 11.80
CA ILE B 80 -6.31 -8.47 11.04
C ILE B 80 -6.45 -8.99 9.60
N PRO B 81 -6.99 -10.18 9.35
CA PRO B 81 -7.11 -10.61 7.94
C PRO B 81 -7.98 -9.69 7.09
N VAL B 82 -9.02 -9.09 7.69
CA VAL B 82 -9.91 -8.22 6.92
C VAL B 82 -9.22 -6.92 6.57
N VAL B 83 -8.53 -6.31 7.54
CA VAL B 83 -7.78 -5.09 7.26
C VAL B 83 -6.66 -5.38 6.27
N GLU B 84 -5.93 -6.47 6.49
CA GLU B 84 -4.84 -6.83 5.58
C GLU B 84 -5.36 -7.07 4.16
N ALA B 85 -6.54 -7.71 4.05
CA ALA B 85 -7.09 -8.03 2.73
C ALA B 85 -7.46 -6.77 1.96
N ILE B 86 -8.17 -5.83 2.61
CA ILE B 86 -8.62 -4.62 1.93
C ILE B 86 -7.42 -3.78 1.52
N ALA B 87 -6.38 -3.73 2.36
CA ALA B 87 -5.20 -2.93 2.03
C ALA B 87 -4.44 -3.48 0.83
N GLN B 88 -4.63 -4.76 0.51
CA GLN B 88 -3.90 -5.38 -0.60
C GLN B 88 -4.58 -5.18 -1.95
N ARG B 89 -5.87 -4.85 -1.98
CA ARG B 89 -6.59 -4.76 -3.23
C ARG B 89 -7.25 -3.42 -3.49
N PHE B 90 -7.34 -2.55 -2.48
CA PHE B 90 -8.09 -1.31 -2.59
C PHE B 90 -7.25 -0.14 -2.08
N GLU B 91 -7.60 1.05 -2.56
CA GLU B 91 -6.95 2.29 -2.16
C GLU B 91 -7.69 3.02 -1.04
N VAL B 92 -8.82 2.49 -0.57
CA VAL B 92 -9.59 3.19 0.45
C VAL B 92 -8.82 3.20 1.77
N TRP B 93 -9.08 4.21 2.58
CA TRP B 93 -8.56 4.24 3.93
C TRP B 93 -9.34 3.26 4.80
N ILE B 94 -8.66 2.74 5.82
CA ILE B 94 -9.21 1.69 6.68
C ILE B 94 -9.10 2.16 8.13
N SER B 95 -10.23 2.23 8.82
CA SER B 95 -10.26 2.50 10.25
C SER B 95 -10.69 1.26 11.01
N VAL B 96 -10.15 1.11 12.22
CA VAL B 96 -10.31 -0.11 13.01
C VAL B 96 -11.04 0.23 14.30
N ASP B 97 -12.11 -0.51 14.59
CA ASP B 97 -12.92 -0.36 15.79
C ASP B 97 -12.41 -1.36 16.82
N THR B 98 -11.44 -0.93 17.62
CA THR B 98 -10.85 -1.82 18.60
C THR B 98 -10.42 -1.01 19.81
N SER B 99 -10.20 -1.73 20.92
CA SER B 99 -9.82 -1.14 22.18
C SER B 99 -8.60 -1.77 22.85
N LYS B 100 -8.22 -3.00 22.51
CA LYS B 100 -7.14 -3.68 23.21
C LYS B 100 -5.82 -3.37 22.53
N PRO B 101 -4.80 -2.97 23.30
CA PRO B 101 -3.47 -2.60 22.79
C PRO B 101 -2.85 -3.54 21.74
N GLU B 102 -3.24 -4.81 21.73
CA GLU B 102 -2.68 -5.78 20.79
C GLU B 102 -3.29 -5.64 19.40
N VAL B 103 -4.51 -5.12 19.27
CA VAL B 103 -5.11 -4.97 17.96
C VAL B 103 -4.75 -3.64 17.29
N ILE B 104 -4.51 -2.58 18.07
CA ILE B 104 -4.05 -1.34 17.45
C ILE B 104 -2.69 -1.55 16.78
N ARG B 105 -1.79 -2.25 17.46
CA ARG B 105 -0.44 -2.45 16.92
C ARG B 105 -0.46 -3.27 15.63
N GLU B 106 -1.22 -4.36 15.62
CA GLU B 106 -1.20 -5.23 14.45
C GLU B 106 -2.03 -4.69 13.31
N SER B 107 -3.17 -4.05 13.60
CA SER B 107 -3.91 -3.38 12.54
C SER B 107 -3.06 -2.31 11.88
N ALA B 108 -2.24 -1.60 12.65
CA ALA B 108 -1.31 -0.65 12.07
C ALA B 108 -0.31 -1.35 11.16
N LYS B 109 0.16 -2.52 11.57
CA LYS B 109 1.18 -3.22 10.79
C LYS B 109 0.64 -3.67 9.44
N VAL B 110 -0.60 -4.17 9.40
CA VAL B 110 -1.20 -4.63 8.15
C VAL B 110 -1.77 -3.49 7.32
N GLY B 111 -1.60 -2.24 7.74
CA GLY B 111 -1.94 -1.13 6.87
C GLY B 111 -3.17 -0.30 7.21
N ALA B 112 -3.61 -0.33 8.46
CA ALA B 112 -4.76 0.49 8.83
C ALA B 112 -4.37 1.96 8.89
N HIS B 113 -5.37 2.82 8.71
CA HIS B 113 -5.16 4.26 8.64
C HIS B 113 -5.59 4.99 9.91
N ILE B 114 -6.81 4.74 10.40
CA ILE B 114 -7.38 5.49 11.52
C ILE B 114 -7.65 4.52 12.67
N ILE B 115 -7.17 4.87 13.86
CA ILE B 115 -7.61 4.18 15.07
C ILE B 115 -8.90 4.83 15.53
N ASN B 116 -9.97 4.05 15.56
CA ASN B 116 -11.30 4.54 15.87
C ASN B 116 -11.82 3.71 17.03
N ASP B 117 -11.51 4.13 18.26
CA ASP B 117 -11.89 3.40 19.45
C ASP B 117 -13.16 3.96 20.04
N ILE B 118 -14.08 3.06 20.41
CA ILE B 118 -15.32 3.47 21.05
C ILE B 118 -15.05 3.94 22.48
N ARG B 119 -14.02 3.40 23.12
CA ARG B 119 -13.68 3.73 24.49
C ARG B 119 -12.67 4.87 24.60
N SER B 120 -12.28 5.45 23.47
CA SER B 120 -11.31 6.54 23.45
C SER B 120 -10.00 6.14 24.14
N LEU B 121 -9.55 4.91 23.88
CA LEU B 121 -8.29 4.37 24.41
C LEU B 121 -8.30 4.36 25.94
N SER B 122 -9.40 3.91 26.54
CA SER B 122 -9.51 3.87 27.99
C SER B 122 -9.01 2.57 28.60
N GLU B 123 -8.64 1.57 27.78
CA GLU B 123 -8.13 0.31 28.30
C GLU B 123 -6.63 0.43 28.57
N PRO B 124 -6.11 -0.27 29.58
CA PRO B 124 -4.68 -0.18 29.90
C PRO B 124 -3.79 -0.47 28.70
N GLY B 125 -2.88 0.47 28.43
CA GLY B 125 -1.94 0.35 27.33
C GLY B 125 -2.48 0.75 25.98
N ALA B 126 -3.76 1.06 25.86
CA ALA B 126 -4.32 1.40 24.56
C ALA B 126 -3.75 2.71 24.03
N LEU B 127 -3.67 3.72 24.90
CA LEU B 127 -3.07 4.99 24.50
C LEU B 127 -1.59 4.82 24.15
N GLU B 128 -0.87 4.03 24.95
CA GLU B 128 0.53 3.74 24.66
C GLU B 128 0.68 3.04 23.32
N ALA B 129 -0.34 2.29 22.90
CA ALA B 129 -0.29 1.63 21.60
C ALA B 129 -0.58 2.61 20.47
N ALA B 130 -1.68 3.36 20.59
CA ALA B 130 -2.09 4.26 19.52
C ALA B 130 -1.02 5.30 19.22
N ALA B 131 -0.31 5.77 20.23
CA ALA B 131 0.78 6.73 20.00
C ALA B 131 1.94 6.06 19.27
N GLU B 132 2.17 4.78 19.52
CA GLU B 132 3.31 4.10 18.90
C GLU B 132 3.08 3.87 17.41
N THR B 133 1.83 3.59 17.01
CA THR B 133 1.53 3.47 15.59
C THR B 133 1.68 4.79 14.85
N GLY B 134 1.56 5.92 15.56
CA GLY B 134 1.62 7.21 14.93
C GLY B 134 0.48 7.51 13.98
N LEU B 135 -0.64 6.81 14.11
CA LEU B 135 -1.77 6.95 13.22
C LEU B 135 -2.79 7.92 13.79
N PRO B 136 -3.67 8.46 12.94
CA PRO B 136 -4.79 9.27 13.44
C PRO B 136 -5.70 8.47 14.37
N VAL B 137 -6.10 9.11 15.48
CA VAL B 137 -7.00 8.50 16.46
C VAL B 137 -8.29 9.30 16.52
N CYS B 138 -9.41 8.62 16.69
CA CYS B 138 -10.71 9.28 16.81
C CYS B 138 -11.21 9.12 18.25
N LEU B 139 -11.29 10.24 18.96
CA LEU B 139 -11.85 10.28 20.31
C LEU B 139 -13.35 10.50 20.24
N MET B 140 -14.12 9.66 20.93
CA MET B 140 -15.56 9.75 20.93
C MET B 140 -16.08 9.90 22.36
N HIS B 141 -17.10 10.73 22.53
CA HIS B 141 -17.69 10.96 23.84
C HIS B 141 -18.67 9.86 24.22
N MET B 142 -18.64 9.46 25.48
CA MET B 142 -19.48 8.40 26.01
C MET B 142 -19.34 8.42 27.52
N GLN B 143 -20.44 8.18 28.22
CA GLN B 143 -20.40 7.98 29.66
C GLN B 143 -21.07 6.65 29.99
N GLY B 144 -20.53 5.96 30.99
CA GLY B 144 -20.99 4.63 31.34
C GLY B 144 -20.19 3.54 30.65
N ALA B 152 -30.88 6.33 29.72
CA ALA B 152 -30.00 7.47 29.48
C ALA B 152 -29.71 8.22 30.78
N PRO B 153 -28.51 8.78 30.90
CA PRO B 153 -28.14 9.51 32.11
C PRO B 153 -28.72 10.91 32.15
N LYS B 154 -28.32 11.70 33.14
CA LYS B 154 -28.76 13.07 33.28
C LYS B 154 -27.55 14.00 33.18
N TYR B 155 -27.71 15.08 32.43
CA TYR B 155 -26.65 16.06 32.22
C TYR B 155 -27.14 17.43 32.66
N ASP B 156 -26.24 18.23 33.22
CA ASP B 156 -26.53 19.65 33.40
C ASP B 156 -26.68 20.31 32.04
N ASP B 157 -25.68 20.15 31.17
CA ASP B 157 -25.76 20.53 29.77
C ASP B 157 -25.04 19.45 28.97
N VAL B 158 -25.71 18.91 27.95
CA VAL B 158 -25.12 17.81 27.20
C VAL B 158 -23.99 18.30 26.30
N PHE B 159 -24.15 19.47 25.67
CA PHE B 159 -23.06 20.04 24.89
C PHE B 159 -21.84 20.27 25.77
N ALA B 160 -22.01 21.03 26.86
CA ALA B 160 -20.89 21.39 27.71
C ALA B 160 -20.16 20.16 28.24
N GLU B 161 -20.87 19.05 28.45
CA GLU B 161 -20.20 17.83 28.87
C GLU B 161 -19.39 17.23 27.73
N VAL B 162 -19.99 17.12 26.54
CA VAL B 162 -19.27 16.64 25.37
C VAL B 162 -18.03 17.49 25.14
N ASN B 163 -18.19 18.81 25.20
CA ASN B 163 -17.07 19.72 24.96
C ASN B 163 -16.00 19.57 26.04
N ARG B 164 -16.41 19.52 27.32
CA ARG B 164 -15.43 19.38 28.39
C ARG B 164 -14.75 18.01 28.35
N TYR B 165 -15.49 16.96 27.95
CA TYR B 165 -14.88 15.65 27.78
C TYR B 165 -13.80 15.69 26.69
N PHE B 166 -14.00 16.51 25.67
CA PHE B 166 -13.03 16.60 24.57
C PHE B 166 -11.72 17.23 25.04
N ILE B 167 -11.80 18.46 25.59
CA ILE B 167 -10.60 19.16 26.07
C ILE B 167 -9.79 18.25 26.97
N GLU B 168 -10.47 17.45 27.81
CA GLU B 168 -9.79 16.49 28.66
C GLU B 168 -9.12 15.39 27.83
N GLN B 169 -9.74 14.99 26.72
CA GLN B 169 -9.21 13.86 25.94
C GLN B 169 -8.07 14.28 25.03
N ILE B 170 -8.16 15.48 24.43
CA ILE B 170 -7.04 15.99 23.66
C ILE B 170 -5.81 16.13 24.54
N ALA B 171 -5.95 16.87 25.65
CA ALA B 171 -4.84 17.05 26.58
C ALA B 171 -4.30 15.71 27.09
N ARG B 172 -5.11 14.65 27.05
CA ARG B 172 -4.62 13.34 27.47
C ARG B 172 -3.83 12.67 26.35
N CYS B 173 -4.26 12.86 25.11
CA CYS B 173 -3.51 12.32 23.97
C CYS B 173 -2.17 13.02 23.82
N GLU B 174 -2.15 14.34 23.96
CA GLU B 174 -0.90 15.08 23.80
C GLU B 174 0.13 14.70 24.86
N GLN B 175 -0.33 14.46 26.09
CA GLN B 175 0.60 14.07 27.15
C GLN B 175 1.27 12.74 26.84
N ALA B 176 0.64 11.88 26.04
CA ALA B 176 1.18 10.59 25.65
C ALA B 176 1.86 10.60 24.28
N GLY B 177 2.01 11.76 23.66
CA GLY B 177 2.75 11.90 22.42
C GLY B 177 1.91 11.98 21.17
N ILE B 178 0.59 11.80 21.27
CA ILE B 178 -0.28 11.95 20.11
C ILE B 178 -0.54 13.44 19.91
N ALA B 179 -0.04 13.99 18.80
CA ALA B 179 -0.21 15.39 18.53
C ALA B 179 -1.67 15.72 18.24
N LYS B 180 -2.02 17.00 18.43
CA LYS B 180 -3.40 17.45 18.26
C LYS B 180 -3.87 17.30 16.81
N GLU B 181 -2.98 17.51 15.84
CA GLU B 181 -3.38 17.44 14.44
C GLU B 181 -3.74 16.03 13.99
N LYS B 182 -3.45 15.01 14.80
CA LYS B 182 -3.77 13.63 14.46
C LYS B 182 -5.10 13.18 15.03
N LEU B 183 -5.80 14.03 15.77
CA LEU B 183 -6.99 13.61 16.48
C LEU B 183 -8.24 13.88 15.65
N LEU B 184 -9.29 13.13 15.97
CA LEU B 184 -10.62 13.31 15.39
C LEU B 184 -11.65 13.32 16.52
N LEU B 185 -12.76 14.03 16.29
CA LEU B 185 -13.79 14.22 17.30
C LEU B 185 -15.12 13.63 16.83
N ASP B 186 -15.80 12.92 17.72
CA ASP B 186 -17.10 12.31 17.45
C ASP B 186 -18.01 12.50 18.66
N PRO B 187 -19.17 13.14 18.49
CA PRO B 187 -20.03 13.43 19.65
C PRO B 187 -20.56 12.19 20.35
N GLY B 188 -20.62 11.05 19.67
CA GLY B 188 -21.08 9.84 20.31
C GLY B 188 -22.58 9.63 20.26
N PHE B 189 -23.21 10.03 19.16
CA PHE B 189 -24.66 9.89 19.01
C PHE B 189 -25.09 8.46 19.31
N GLY B 190 -26.26 8.33 19.92
CA GLY B 190 -26.88 7.03 20.13
C GLY B 190 -27.31 6.74 21.55
N PHE B 191 -28.33 5.88 21.68
CA PHE B 191 -28.81 5.41 22.98
C PHE B 191 -27.97 4.26 23.52
N GLY B 192 -26.69 4.20 23.15
CA GLY B 192 -25.78 3.23 23.70
C GLY B 192 -24.54 3.89 24.27
N PHE B 193 -24.41 5.18 24.01
CA PHE B 193 -23.28 5.98 24.49
C PHE B 193 -23.70 6.99 25.54
N GLY B 194 -24.87 6.80 26.14
CA GLY B 194 -25.29 7.61 27.27
C GLY B 194 -26.02 8.88 26.91
N LYS B 195 -26.96 8.81 25.95
CA LYS B 195 -27.74 9.98 25.54
C LYS B 195 -29.13 9.53 25.14
N ASN B 196 -30.13 10.36 25.47
CA ASN B 196 -31.52 10.10 25.08
C ASN B 196 -31.88 10.92 23.84
N LEU B 197 -33.13 10.78 23.39
CA LEU B 197 -33.56 11.40 22.15
C LEU B 197 -33.31 12.91 22.15
N SER B 198 -33.67 13.58 23.24
CA SER B 198 -33.49 15.02 23.32
C SER B 198 -32.01 15.39 23.33
N HIS B 199 -31.17 14.58 23.96
CA HIS B 199 -29.74 14.87 23.98
C HIS B 199 -29.10 14.66 22.61
N ASN B 200 -29.58 13.67 21.86
CA ASN B 200 -29.02 13.42 20.54
C ASN B 200 -29.33 14.55 19.57
N TYR B 201 -30.51 15.17 19.69
CA TYR B 201 -30.88 16.21 18.73
C TYR B 201 -30.37 17.59 19.11
N SER B 202 -30.00 17.80 20.38
CA SER B 202 -29.31 19.03 20.75
C SER B 202 -27.86 19.02 20.28
N LEU B 203 -27.19 17.88 20.38
CA LEU B 203 -25.85 17.76 19.82
C LEU B 203 -25.87 17.95 18.31
N LEU B 204 -26.83 17.31 17.64
CA LEU B 204 -26.93 17.48 16.19
C LEU B 204 -27.25 18.93 15.84
N ALA B 205 -27.98 19.63 16.71
CA ALA B 205 -28.39 21.00 16.40
C ALA B 205 -27.21 21.96 16.50
N ARG B 206 -26.33 21.74 17.46
CA ARG B 206 -25.17 22.60 17.69
C ARG B 206 -23.86 21.92 17.30
N LEU B 207 -23.92 21.06 16.29
CA LEU B 207 -22.72 20.34 15.86
C LEU B 207 -21.64 21.30 15.37
N ALA B 208 -22.03 22.29 14.56
CA ALA B 208 -21.06 23.24 14.01
C ALA B 208 -20.28 23.98 15.09
N GLU B 209 -20.77 24.00 16.33
CA GLU B 209 -20.05 24.68 17.39
C GLU B 209 -18.79 23.93 17.84
N PHE B 210 -18.63 22.67 17.45
CA PHE B 210 -17.45 21.91 17.82
C PHE B 210 -16.25 22.22 16.95
N HIS B 211 -16.40 23.12 15.98
CA HIS B 211 -15.32 23.46 15.06
C HIS B 211 -14.27 24.36 15.68
N HIS B 212 -14.53 24.97 16.84
CA HIS B 212 -13.53 25.80 17.48
C HIS B 212 -12.27 25.02 17.83
N PHE B 213 -12.36 23.68 17.82
CA PHE B 213 -11.19 22.83 18.01
C PHE B 213 -10.27 22.81 16.80
N ASN B 214 -10.76 23.25 15.64
CA ASN B 214 -10.03 23.14 14.37
C ASN B 214 -9.61 21.70 14.11
N LEU B 215 -10.51 20.77 14.36
CA LEU B 215 -10.29 19.35 14.21
C LEU B 215 -11.39 18.76 13.34
N PRO B 216 -11.15 17.59 12.74
CA PRO B 216 -12.20 16.94 11.94
C PRO B 216 -13.31 16.38 12.82
N LEU B 217 -14.52 16.37 12.27
CA LEU B 217 -15.71 15.91 12.98
C LEU B 217 -16.22 14.62 12.32
N LEU B 218 -15.88 13.48 12.92
CA LEU B 218 -16.49 12.22 12.55
C LEU B 218 -17.85 12.09 13.22
N VAL B 219 -18.84 11.61 12.47
CA VAL B 219 -20.22 11.56 12.97
C VAL B 219 -20.90 10.30 12.44
N GLY B 220 -21.73 9.68 13.28
CA GLY B 220 -22.40 8.45 12.90
C GLY B 220 -23.75 8.21 13.54
N MET B 221 -24.83 8.46 12.80
CA MET B 221 -26.18 8.26 13.31
C MET B 221 -27.01 7.31 12.46
N SER B 222 -26.36 6.49 11.63
CA SER B 222 -27.07 5.63 10.69
C SER B 222 -27.94 4.61 11.43
N ARG B 223 -29.24 4.65 11.15
CA ARG B 223 -30.22 3.67 11.66
C ARG B 223 -30.29 3.64 13.18
N LYS B 224 -29.97 4.75 13.84
CA LYS B 224 -29.90 4.72 15.29
C LYS B 224 -31.28 4.98 15.92
N SER B 225 -31.35 4.80 17.24
CA SER B 225 -32.61 4.95 17.95
C SER B 225 -33.14 6.38 17.90
N MET B 226 -32.25 7.37 17.76
CA MET B 226 -32.73 8.74 17.62
C MET B 226 -33.52 8.94 16.33
N ILE B 227 -33.42 8.00 15.38
CA ILE B 227 -34.29 7.98 14.21
C ILE B 227 -35.41 6.99 14.46
N GLY B 228 -35.10 5.90 15.19
CA GLY B 228 -36.10 4.88 15.45
C GLY B 228 -37.22 5.37 16.37
N GLN B 229 -36.84 5.95 17.52
CA GLN B 229 -37.84 6.43 18.46
C GLN B 229 -38.71 7.53 17.86
N LEU B 230 -38.12 8.35 16.98
CA LEU B 230 -38.83 9.47 16.38
C LEU B 230 -39.81 9.01 15.32
N LEU B 231 -39.34 8.20 14.37
CA LEU B 231 -40.11 7.83 13.18
C LEU B 231 -40.99 6.60 13.40
N ASN B 232 -40.79 5.86 14.49
CA ASN B 232 -41.62 4.69 14.81
C ASN B 232 -41.53 3.65 13.69
N VAL B 233 -40.30 3.27 13.35
CA VAL B 233 -40.05 2.29 12.30
C VAL B 233 -38.90 1.38 12.73
N GLY B 234 -38.85 0.19 12.10
CA GLY B 234 -37.83 -0.77 12.40
C GLY B 234 -36.49 -0.36 11.82
N PRO B 235 -35.48 -1.21 12.03
CA PRO B 235 -34.11 -0.82 11.69
C PRO B 235 -33.84 -0.73 10.20
N SER B 236 -34.67 -1.34 9.37
CA SER B 236 -34.50 -1.30 7.92
C SER B 236 -35.25 -0.16 7.26
N GLU B 237 -36.26 0.40 7.92
CA GLU B 237 -37.04 1.50 7.37
C GLU B 237 -36.49 2.87 7.77
N ARG B 238 -35.23 2.94 8.20
CA ARG B 238 -34.65 4.16 8.73
C ARG B 238 -33.83 4.93 7.69
N LEU B 239 -33.94 4.59 6.41
CA LEU B 239 -33.09 5.23 5.41
C LEU B 239 -33.35 6.73 5.34
N SER B 240 -34.60 7.12 5.17
CA SER B 240 -34.92 8.54 5.02
C SER B 240 -34.49 9.34 6.25
N GLY B 241 -34.62 8.75 7.45
CA GLY B 241 -34.17 9.43 8.65
C GLY B 241 -32.66 9.45 8.79
N SER B 242 -32.00 8.35 8.43
CA SER B 242 -30.53 8.32 8.45
C SER B 242 -29.95 9.33 7.46
N LEU B 243 -30.62 9.57 6.35
CA LEU B 243 -30.10 10.53 5.39
C LEU B 243 -30.24 11.96 5.89
N ALA B 244 -31.38 12.28 6.53
CA ALA B 244 -31.60 13.65 7.01
C ALA B 244 -30.58 14.03 8.08
N CYS B 245 -30.23 13.07 8.94
CA CYS B 245 -29.17 13.31 9.92
C CYS B 245 -27.84 13.60 9.25
N ALA B 246 -27.48 12.82 8.23
CA ALA B 246 -26.20 13.02 7.55
C ALA B 246 -26.17 14.36 6.84
N VAL B 247 -27.25 14.71 6.13
CA VAL B 247 -27.32 15.99 5.44
C VAL B 247 -27.17 17.14 6.44
N ILE B 248 -27.85 17.03 7.59
CA ILE B 248 -27.75 18.05 8.62
C ILE B 248 -26.32 18.14 9.15
N ALA B 249 -25.70 16.98 9.40
CA ALA B 249 -24.31 16.98 9.85
C ALA B 249 -23.40 17.56 8.78
N ALA B 250 -23.52 17.08 7.54
CA ALA B 250 -22.67 17.61 6.47
C ALA B 250 -22.98 19.07 6.19
N MET B 251 -24.23 19.50 6.40
CA MET B 251 -24.57 20.91 6.23
C MET B 251 -23.75 21.79 7.16
N GLN B 252 -23.56 21.34 8.40
CA GLN B 252 -22.79 22.11 9.38
C GLN B 252 -21.29 21.90 9.25
N GLY B 253 -20.84 21.15 8.25
CA GLY B 253 -19.43 20.95 8.02
C GLY B 253 -18.83 19.69 8.60
N ALA B 254 -19.63 18.66 8.83
CA ALA B 254 -19.06 17.39 9.28
C ALA B 254 -18.15 16.83 8.20
N HIS B 255 -17.04 16.21 8.63
CA HIS B 255 -16.00 15.78 7.72
C HIS B 255 -16.18 14.34 7.25
N ILE B 256 -16.57 13.44 8.16
CA ILE B 256 -16.84 12.06 7.82
C ILE B 256 -18.18 11.66 8.43
N ILE B 257 -18.97 10.93 7.64
CA ILE B 257 -20.26 10.39 8.10
C ILE B 257 -20.19 8.87 8.02
N ARG B 258 -20.42 8.21 9.15
CA ARG B 258 -20.38 6.75 9.25
C ARG B 258 -21.79 6.21 8.99
N VAL B 259 -21.99 5.57 7.84
CA VAL B 259 -23.33 5.20 7.40
C VAL B 259 -23.38 3.73 6.98
N HIS B 260 -24.58 3.14 7.09
CA HIS B 260 -24.81 1.79 6.60
C HIS B 260 -25.10 1.79 5.11
N ASP B 261 -26.10 2.58 4.69
CA ASP B 261 -26.50 2.68 3.28
C ASP B 261 -25.53 3.63 2.58
N VAL B 262 -24.46 3.06 2.01
CA VAL B 262 -23.39 3.87 1.44
C VAL B 262 -23.86 4.54 0.16
N LYS B 263 -24.47 3.79 -0.76
CA LYS B 263 -24.92 4.34 -2.03
C LYS B 263 -25.75 5.61 -1.80
N GLU B 264 -26.83 5.47 -1.05
CA GLU B 264 -27.78 6.57 -0.89
C GLU B 264 -27.15 7.78 -0.21
N THR B 265 -26.34 7.56 0.83
CA THR B 265 -25.69 8.67 1.53
C THR B 265 -24.74 9.43 0.63
N VAL B 266 -23.95 8.72 -0.18
CA VAL B 266 -23.03 9.37 -1.11
C VAL B 266 -23.80 10.28 -2.06
N GLU B 267 -24.94 9.80 -2.60
CA GLU B 267 -25.73 10.65 -3.50
C GLU B 267 -26.20 11.92 -2.81
N ALA B 268 -26.49 11.83 -1.49
CA ALA B 268 -26.91 13.01 -0.75
C ALA B 268 -25.76 13.96 -0.49
N MET B 269 -24.54 13.44 -0.30
CA MET B 269 -23.42 14.32 -0.03
C MET B 269 -22.97 15.10 -1.26
N ARG B 270 -23.23 14.58 -2.47
CA ARG B 270 -22.96 15.41 -3.64
C ARG B 270 -23.90 16.59 -3.72
N VAL B 271 -25.15 16.43 -3.26
CA VAL B 271 -26.06 17.56 -3.18
C VAL B 271 -25.57 18.57 -2.16
N VAL B 272 -25.11 18.08 -1.00
CA VAL B 272 -24.52 18.96 0.01
C VAL B 272 -23.29 19.67 -0.53
N GLU B 273 -22.49 18.95 -1.34
CA GLU B 273 -21.29 19.55 -1.92
C GLU B 273 -21.67 20.67 -2.89
N ALA B 274 -22.62 20.42 -3.79
CA ALA B 274 -23.02 21.44 -4.74
C ALA B 274 -23.65 22.63 -4.05
N THR B 275 -24.30 22.41 -2.91
CA THR B 275 -24.85 23.52 -2.14
C THR B 275 -23.75 24.30 -1.42
N LEU B 276 -22.85 23.58 -0.75
CA LEU B 276 -21.77 24.27 -0.02
C LEU B 276 -20.83 24.98 -0.97
N SER B 277 -20.55 24.38 -2.13
CA SER B 277 -19.72 25.02 -3.14
C SER B 277 -20.26 26.39 -3.55
N ALA B 278 -21.58 26.55 -3.60
CA ALA B 278 -22.19 27.82 -3.94
C ALA B 278 -22.35 28.75 -2.74
N LYS B 279 -22.18 28.24 -1.52
CA LYS B 279 -22.28 29.08 -0.32
C LYS B 279 -21.04 29.95 -0.20
N GLU B 280 -21.26 31.16 0.34
CA GLU B 280 -20.18 32.14 0.47
C GLU B 280 -19.10 31.70 1.45
N ASN B 281 -19.41 30.77 2.36
CA ASN B 281 -18.48 30.45 3.44
C ASN B 281 -18.33 28.96 3.70
N LYS B 282 -18.97 28.09 2.92
CA LYS B 282 -18.78 26.64 2.96
C LYS B 282 -19.33 25.99 4.23
N ARG B 283 -20.23 26.64 4.97
CA ARG B 283 -20.77 26.04 6.18
C ARG B 283 -22.07 26.73 6.56
N TYR B 284 -22.94 26.00 7.27
CA TYR B 284 -24.19 26.51 7.80
C TYR B 284 -24.13 26.55 9.32
N GLU B 285 -24.46 27.71 9.89
CA GLU B 285 -24.40 27.89 11.35
C GLU B 285 -25.78 28.03 11.96
#